data_9FRC
#
_entry.id   9FRC
#
_cell.length_a   62.320
_cell.length_b   73.600
_cell.length_c   86.470
_cell.angle_alpha   90.00
_cell.angle_beta   90.00
_cell.angle_gamma   90.00
#
_symmetry.space_group_name_H-M   'P 21 21 21'
#
loop_
_entity.id
_entity.type
_entity.pdbx_description
1 polymer 'Cobn protein'
2 non-polymer 'Hydrogenobyrinic acid a,c-diamide'
3 water water
#
_entity_poly.entity_id   1
_entity_poly.type   'polypeptide(L)'
_entity_poly.pdbx_seq_one_letter_code
;DSRAVPTPAAWELGKKSAELLITRYTQDHGEWPTSFGLTAWGTSNMRTGGDDIAQALALIGVQPVWDMASRRVTGYEIVP
PAKLARPRVDVTLRISGFFRDAFPEQIALFDKAVRAVGALDEDVEDNPIAARMKAEQARLVAGGADPQTAERRAGYRVFG
SKPGAYGAGLQALIDENGWAGRNDLAEAWLVWGGYAYGAGEEGQAERGLLEERLRSVQAVVQNQDNREHDLLDSDDYYQF
EGGMAATVESLTGAMPSVYHNDHSRPEKPVIRALEEELSRVVRGRAANPKWIAGVMRHGYKGAAEIAATVDYLFAFAATT
GKVGNHHFEAVYQAYIADRAVHDFMAEKNPAALAETAAKLNEAIERGFWTPRSNSARFELENLS
;
_entity_poly.pdbx_strand_id   A
#
loop_
_chem_comp.id
_chem_comp.type
_chem_comp.name
_chem_comp.formula
A1IFT non-polymer 'Hydrogenobyrinic acid a,c-diamide' 'C45 H62 N6 O12'
#
# COMPACT_ATOMS: atom_id res chain seq x y z
N ASP A 1 13.76 19.59 -8.60
CA ASP A 1 15.08 18.99 -8.98
C ASP A 1 15.16 17.61 -8.35
N SER A 2 15.31 16.56 -9.18
CA SER A 2 15.39 15.19 -8.69
C SER A 2 16.65 14.98 -7.84
N ARG A 3 17.72 15.72 -8.14
CA ARG A 3 19.02 15.46 -7.53
C ARG A 3 19.00 15.69 -6.02
N ALA A 4 17.97 16.42 -5.51
CA ALA A 4 17.89 16.87 -4.12
C ALA A 4 16.89 16.04 -3.33
N VAL A 5 16.50 14.89 -3.87
CA VAL A 5 15.51 14.04 -3.24
C VAL A 5 16.16 12.79 -2.69
N PRO A 6 15.95 12.34 -1.43
CA PRO A 6 15.09 13.01 -0.46
C PRO A 6 15.70 14.28 0.14
N THR A 7 14.82 15.21 0.54
CA THR A 7 15.25 16.46 1.12
C THR A 7 15.51 16.26 2.59
N PRO A 8 16.18 17.22 3.25
CA PRO A 8 16.24 17.27 4.70
C PRO A 8 14.86 17.27 5.37
N ALA A 9 13.88 17.97 4.80
CA ALA A 9 12.55 18.01 5.40
C ALA A 9 11.85 16.65 5.29
N ALA A 10 12.04 15.96 4.16
CA ALA A 10 11.40 14.68 3.89
C ALA A 10 12.03 13.59 4.73
N TRP A 11 13.31 13.75 5.04
CA TRP A 11 14.01 12.77 5.86
C TRP A 11 13.59 12.91 7.32
N GLU A 12 13.39 14.13 7.81
CA GLU A 12 12.83 14.33 9.15
C GLU A 12 11.48 13.63 9.23
N LEU A 13 10.61 13.91 8.24
CA LEU A 13 9.30 13.29 8.19
C LEU A 13 9.43 11.75 8.17
N GLY A 14 10.30 11.21 7.33
CA GLY A 14 10.38 9.76 7.17
C GLY A 14 11.07 9.06 8.34
N LYS A 15 11.96 9.77 9.05
CA LYS A 15 12.65 9.22 10.22
C LYS A 15 11.67 9.06 11.38
N LYS A 16 10.82 10.09 11.58
CA LYS A 16 9.79 10.12 12.60
C LYS A 16 8.68 9.10 12.31
N SER A 17 8.17 9.11 11.07
CA SER A 17 7.22 8.13 10.59
C SER A 17 7.69 6.69 10.83
N ALA A 18 8.94 6.37 10.45
CA ALA A 18 9.47 5.02 10.67
C ALA A 18 9.45 4.59 12.14
N GLU A 19 9.74 5.51 13.07
CA GLU A 19 9.78 5.12 14.48
C GLU A 19 8.35 4.94 15.00
N LEU A 20 7.45 5.89 14.72
CA LEU A 20 6.05 5.71 15.10
C LEU A 20 5.45 4.42 14.56
N LEU A 21 5.91 3.99 13.37
CA LEU A 21 5.41 2.80 12.72
C LEU A 21 5.91 1.57 13.45
N ILE A 22 7.18 1.54 13.87
CA ILE A 22 7.71 0.42 14.64
C ILE A 22 7.08 0.38 16.04
N THR A 23 6.95 1.54 16.70
CA THR A 23 6.26 1.62 17.96
C THR A 23 4.88 0.96 17.80
N ARG A 24 4.14 1.38 16.76
CA ARG A 24 2.76 0.95 16.58
C ARG A 24 2.73 -0.55 16.29
N TYR A 25 3.70 -1.04 15.52
CA TYR A 25 3.76 -2.47 15.26
C TYR A 25 3.92 -3.20 16.60
N THR A 26 4.86 -2.73 17.45
CA THR A 26 5.15 -3.39 18.72
C THR A 26 3.93 -3.35 19.64
N GLN A 27 3.17 -2.25 19.64
CA GLN A 27 1.94 -2.16 20.41
C GLN A 27 0.86 -3.13 19.93
N ASP A 28 0.66 -3.29 18.62
CA ASP A 28 -0.28 -4.27 18.07
C ASP A 28 0.18 -5.73 18.18
N HIS A 29 1.49 -6.06 18.18
CA HIS A 29 1.89 -7.47 18.07
C HIS A 29 2.79 -7.96 19.21
N GLY A 30 3.34 -7.06 20.03
CA GLY A 30 4.18 -7.44 21.16
C GLY A 30 5.57 -7.96 20.77
N GLU A 31 6.06 -7.63 19.57
CA GLU A 31 7.41 -8.00 19.19
C GLU A 31 7.91 -7.03 18.12
N TRP A 32 9.24 -6.94 17.95
CA TRP A 32 9.88 -6.11 16.93
C TRP A 32 9.50 -6.68 15.56
N PRO A 33 9.23 -5.81 14.57
CA PRO A 33 9.01 -6.24 13.19
C PRO A 33 10.32 -6.51 12.48
N THR A 34 10.30 -7.36 11.44
CA THR A 34 11.51 -7.75 10.72
C THR A 34 11.35 -7.47 9.24
N SER A 35 10.10 -7.36 8.74
CA SER A 35 9.83 -7.22 7.30
C SER A 35 8.58 -6.39 7.02
N PHE A 36 8.74 -5.24 6.36
CA PHE A 36 7.62 -4.46 5.87
C PHE A 36 7.61 -4.44 4.36
N GLY A 37 6.39 -4.28 3.79
CA GLY A 37 6.18 -3.99 2.39
C GLY A 37 5.67 -2.56 2.20
N LEU A 38 6.32 -1.78 1.35
CA LEU A 38 5.96 -0.39 1.14
C LEU A 38 5.55 -0.13 -0.31
N THR A 39 4.58 0.76 -0.47
CA THR A 39 4.18 1.26 -1.77
C THR A 39 4.70 2.68 -1.90
N ALA A 40 5.06 3.03 -3.13
CA ALA A 40 5.80 4.24 -3.44
C ALA A 40 5.34 4.74 -4.81
N TRP A 41 4.71 5.91 -4.81
CA TRP A 41 4.20 6.60 -5.98
C TRP A 41 5.01 7.84 -6.30
N GLY A 42 4.85 8.29 -7.55
CA GLY A 42 5.67 9.34 -8.13
C GLY A 42 5.26 10.73 -7.64
N THR A 43 3.99 11.11 -7.85
CA THR A 43 3.55 12.47 -7.61
C THR A 43 3.66 12.78 -6.12
N SER A 44 3.44 11.75 -5.30
CA SER A 44 3.51 11.84 -3.86
C SER A 44 4.91 12.28 -3.41
N ASN A 45 5.97 11.64 -3.95
CA ASN A 45 7.34 11.92 -3.55
C ASN A 45 7.85 13.25 -4.15
N MET A 46 7.24 13.71 -5.23
CA MET A 46 7.50 15.03 -5.78
C MET A 46 6.97 16.10 -4.84
N ARG A 47 5.80 15.88 -4.24
CA ARG A 47 5.15 16.87 -3.39
C ARG A 47 5.76 16.97 -1.99
N THR A 48 6.48 15.94 -1.55
CA THR A 48 7.02 15.87 -0.19
C THR A 48 8.55 15.97 -0.21
N GLY A 49 9.17 15.87 -1.39
CA GLY A 49 10.60 15.73 -1.51
C GLY A 49 11.09 14.38 -1.00
N GLY A 50 10.25 13.33 -1.13
CA GLY A 50 10.74 11.97 -1.03
C GLY A 50 10.45 11.30 0.30
N ASP A 51 9.23 11.51 0.84
CA ASP A 51 8.81 10.95 2.12
C ASP A 51 8.99 9.43 2.18
N ASP A 52 8.69 8.73 1.09
CA ASP A 52 8.60 7.27 1.10
C ASP A 52 10.02 6.68 1.05
N ILE A 53 10.89 7.30 0.24
CA ILE A 53 12.29 6.88 0.13
C ILE A 53 12.95 7.08 1.50
N ALA A 54 12.65 8.24 2.08
CA ALA A 54 13.12 8.59 3.40
C ALA A 54 12.76 7.50 4.40
N GLN A 55 11.46 7.20 4.46
CA GLN A 55 10.94 6.25 5.43
C GLN A 55 11.62 4.90 5.29
N ALA A 56 11.70 4.41 4.06
CA ALA A 56 12.31 3.13 3.75
C ALA A 56 13.78 3.13 4.14
N LEU A 57 14.48 4.24 3.87
CA LEU A 57 15.86 4.40 4.31
C LEU A 57 15.97 4.43 5.84
N ALA A 58 15.10 5.13 6.56
CA ALA A 58 15.21 5.13 8.02
C ALA A 58 14.90 3.73 8.59
N LEU A 59 13.98 3.01 7.97
CA LEU A 59 13.62 1.70 8.51
C LEU A 59 14.81 0.75 8.45
N ILE A 60 15.59 0.77 7.35
CA ILE A 60 16.75 -0.10 7.21
C ILE A 60 17.98 0.46 7.96
N GLY A 61 17.91 1.71 8.45
CA GLY A 61 18.98 2.26 9.26
C GLY A 61 20.13 2.79 8.42
N VAL A 62 19.75 3.65 7.46
CA VAL A 62 20.65 4.33 6.56
C VAL A 62 20.19 5.76 6.41
N GLN A 63 21.13 6.69 6.19
CA GLN A 63 20.69 8.07 6.00
C GLN A 63 21.37 8.71 4.78
N PRO A 64 20.65 9.59 4.05
CA PRO A 64 21.25 10.37 2.99
C PRO A 64 22.38 11.24 3.50
N VAL A 65 23.28 11.56 2.57
CA VAL A 65 24.30 12.55 2.69
C VAL A 65 23.98 13.58 1.62
N TRP A 66 23.92 14.85 2.03
CA TRP A 66 23.79 15.98 1.12
C TRP A 66 25.10 16.75 1.03
N ASP A 67 25.39 17.31 -0.14
CA ASP A 67 26.25 18.48 -0.28
C ASP A 67 25.66 19.59 0.58
N MET A 68 26.49 20.16 1.47
CA MET A 68 26.01 21.19 2.39
C MET A 68 25.61 22.48 1.67
N ALA A 69 26.03 22.70 0.42
CA ALA A 69 25.79 24.01 -0.21
C ALA A 69 24.68 23.91 -1.25
N SER A 70 24.80 22.95 -2.18
CA SER A 70 23.78 22.72 -3.20
C SER A 70 22.57 21.91 -2.67
N ARG A 71 22.74 21.09 -1.62
CA ARG A 71 21.65 20.23 -1.15
C ARG A 71 21.28 19.12 -2.15
N ARG A 72 22.15 18.79 -3.12
CA ARG A 72 22.03 17.56 -3.86
C ARG A 72 22.39 16.40 -2.94
N VAL A 73 21.75 15.23 -3.13
CA VAL A 73 22.11 14.01 -2.43
C VAL A 73 23.37 13.46 -3.08
N THR A 74 24.46 13.23 -2.33
CA THR A 74 25.71 12.73 -2.91
C THR A 74 25.94 11.28 -2.52
N GLY A 75 25.01 10.67 -1.79
CA GLY A 75 25.21 9.29 -1.35
C GLY A 75 24.46 8.99 -0.07
N TYR A 76 24.92 7.95 0.64
CA TYR A 76 24.28 7.49 1.85
C TYR A 76 25.35 7.20 2.89
N GLU A 77 24.92 7.11 4.15
CA GLU A 77 25.76 6.60 5.22
C GLU A 77 24.94 5.60 6.04
N ILE A 78 25.61 4.53 6.48
CA ILE A 78 24.97 3.51 7.31
C ILE A 78 24.90 4.05 8.73
N VAL A 79 23.69 4.08 9.32
CA VAL A 79 23.58 4.28 10.75
C VAL A 79 24.17 3.04 11.42
N PRO A 80 25.22 3.17 12.26
CA PRO A 80 25.73 2.02 13.02
C PRO A 80 24.84 1.66 14.21
N PRO A 81 24.89 0.41 14.70
CA PRO A 81 23.97 -0.03 15.76
C PRO A 81 24.16 0.73 17.10
N ALA A 82 25.30 1.41 17.27
CA ALA A 82 25.47 2.34 18.38
C ALA A 82 24.36 3.38 18.42
N LYS A 83 23.83 3.73 17.23
CA LYS A 83 22.88 4.82 17.12
C LYS A 83 21.44 4.28 16.98
N LEU A 84 21.22 3.00 17.29
CA LEU A 84 19.95 2.37 17.01
C LEU A 84 19.31 1.81 18.29
N ALA A 85 18.26 2.48 18.77
CA ALA A 85 17.48 2.00 19.89
C ALA A 85 16.45 0.94 19.47
N ARG A 86 16.40 0.59 18.19
CA ARG A 86 15.57 -0.52 17.74
C ARG A 86 16.31 -1.27 16.66
N PRO A 87 15.85 -2.47 16.25
CA PRO A 87 16.48 -3.20 15.16
C PRO A 87 16.20 -2.60 13.80
N ARG A 88 17.10 -2.91 12.87
CA ARG A 88 16.90 -2.64 11.45
C ARG A 88 15.67 -3.44 11.05
N VAL A 89 14.83 -2.87 10.18
CA VAL A 89 13.70 -3.58 9.62
C VAL A 89 13.86 -3.77 8.12
N ASP A 90 13.61 -4.99 7.63
CA ASP A 90 13.69 -5.26 6.20
C ASP A 90 12.51 -4.58 5.50
N VAL A 91 12.78 -4.00 4.34
CA VAL A 91 11.81 -3.34 3.49
C VAL A 91 11.85 -3.89 2.04
N THR A 92 10.67 -4.21 1.52
CA THR A 92 10.44 -4.50 0.10
C THR A 92 9.53 -3.41 -0.48
N LEU A 93 9.92 -2.90 -1.64
CA LEU A 93 9.35 -1.70 -2.19
C LEU A 93 8.64 -2.05 -3.49
N ARG A 94 7.34 -1.78 -3.52
CA ARG A 94 6.53 -1.87 -4.72
C ARG A 94 6.37 -0.44 -5.20
N ILE A 95 6.93 -0.19 -6.40
CA ILE A 95 6.99 1.15 -6.94
C ILE A 95 6.03 1.17 -8.11
N SER A 96 5.46 2.36 -8.37
CA SER A 96 4.55 2.55 -9.49
C SER A 96 5.37 2.81 -10.75
N GLY A 97 4.73 2.71 -11.92
CA GLY A 97 5.41 2.99 -13.18
C GLY A 97 5.96 4.42 -13.25
N PHE A 98 5.12 5.41 -13.00
CA PHE A 98 5.57 6.79 -12.91
C PHE A 98 6.67 6.97 -11.84
N PHE A 99 6.69 6.21 -10.74
CA PHE A 99 7.80 6.37 -9.80
C PHE A 99 9.08 5.81 -10.40
N ARG A 100 8.99 4.68 -11.11
CA ARG A 100 10.10 4.12 -11.85
C ARG A 100 10.68 5.18 -12.80
N ASP A 101 9.82 5.84 -13.61
CA ASP A 101 10.25 6.81 -14.61
C ASP A 101 10.81 8.08 -13.98
N ALA A 102 10.25 8.53 -12.84
CA ALA A 102 10.64 9.80 -12.25
C ALA A 102 11.78 9.69 -11.24
N PHE A 103 12.08 8.51 -10.66
CA PHE A 103 13.07 8.49 -9.57
C PHE A 103 14.08 7.35 -9.65
N PRO A 104 14.66 7.06 -10.84
CA PRO A 104 15.64 5.98 -10.98
C PRO A 104 16.91 6.12 -10.14
N GLU A 105 17.38 7.36 -9.92
CA GLU A 105 18.57 7.57 -9.11
C GLU A 105 18.30 7.22 -7.64
N GLN A 106 17.04 7.42 -7.20
CA GLN A 106 16.65 7.12 -5.84
C GLN A 106 16.41 5.62 -5.65
N ILE A 107 15.98 4.96 -6.72
CA ILE A 107 15.87 3.51 -6.72
C ILE A 107 17.27 2.90 -6.57
N ALA A 108 18.24 3.51 -7.28
CA ALA A 108 19.62 3.06 -7.29
C ALA A 108 20.26 3.26 -5.92
N LEU A 109 19.99 4.41 -5.29
CA LEU A 109 20.46 4.68 -3.95
C LEU A 109 19.85 3.68 -2.95
N PHE A 110 18.53 3.46 -3.02
CA PHE A 110 17.88 2.49 -2.14
C PHE A 110 18.51 1.10 -2.30
N ASP A 111 18.58 0.60 -3.54
CA ASP A 111 19.12 -0.70 -3.87
C ASP A 111 20.52 -0.92 -3.27
N LYS A 112 21.44 0.02 -3.50
CA LYS A 112 22.79 -0.02 -2.94
C LYS A 112 22.78 -0.07 -1.40
N ALA A 113 22.09 0.92 -0.80
CA ALA A 113 22.04 1.05 0.65
C ALA A 113 21.57 -0.24 1.31
N VAL A 114 20.59 -0.90 0.69
CA VAL A 114 20.05 -2.12 1.29
C VAL A 114 21.02 -3.30 1.08
N ARG A 115 21.72 -3.36 -0.06
CA ARG A 115 22.76 -4.38 -0.20
C ARG A 115 23.90 -4.14 0.79
N ALA A 116 24.31 -2.87 0.99
CA ALA A 116 25.29 -2.52 2.00
C ALA A 116 24.89 -3.04 3.38
N VAL A 117 23.71 -2.64 3.87
CA VAL A 117 23.18 -3.16 5.12
C VAL A 117 23.14 -4.68 5.12
N GLY A 118 22.76 -5.31 4.01
CA GLY A 118 22.69 -6.77 3.94
C GLY A 118 24.04 -7.49 4.06
N ALA A 119 25.14 -6.74 3.93
CA ALA A 119 26.47 -7.30 3.98
C ALA A 119 27.21 -7.03 5.30
N LEU A 120 26.55 -6.46 6.30
CA LEU A 120 27.17 -6.23 7.61
C LEU A 120 27.22 -7.51 8.42
N ASP A 121 28.06 -7.47 9.47
CA ASP A 121 28.21 -8.54 10.43
C ASP A 121 27.55 -8.06 11.72
N GLU A 122 26.23 -8.27 11.76
CA GLU A 122 25.43 -7.89 12.90
C GLU A 122 24.72 -9.16 13.32
N ASP A 123 24.08 -9.13 14.49
CA ASP A 123 23.38 -10.29 15.01
C ASP A 123 22.05 -10.36 14.29
N VAL A 124 21.48 -11.56 14.15
CA VAL A 124 20.17 -11.78 13.56
C VAL A 124 19.12 -10.88 14.23
N GLU A 125 19.05 -10.91 15.56
CA GLU A 125 18.14 -10.08 16.34
C GLU A 125 18.18 -8.62 15.87
N ASP A 126 19.36 -8.11 15.41
CA ASP A 126 19.53 -6.70 15.11
C ASP A 126 19.44 -6.41 13.62
N ASN A 127 19.73 -7.41 12.76
CA ASN A 127 19.79 -7.19 11.32
C ASN A 127 19.15 -8.38 10.61
N PRO A 128 17.83 -8.34 10.33
CA PRO A 128 17.15 -9.44 9.65
C PRO A 128 17.48 -9.49 8.18
N ILE A 129 17.85 -8.32 7.66
CA ILE A 129 18.16 -8.10 6.26
C ILE A 129 19.39 -8.94 5.92
N ALA A 130 20.50 -8.68 6.63
CA ALA A 130 21.70 -9.46 6.41
C ALA A 130 21.41 -10.95 6.60
N ALA A 131 20.57 -11.31 7.56
CA ALA A 131 20.38 -12.73 7.79
C ALA A 131 19.60 -13.37 6.64
N ARG A 132 18.69 -12.62 6.00
CA ARG A 132 17.91 -13.13 4.90
C ARG A 132 18.81 -13.25 3.68
N MET A 133 19.56 -12.17 3.39
CA MET A 133 20.31 -12.06 2.15
C MET A 133 21.36 -13.16 2.09
N LYS A 134 22.11 -13.36 3.17
CA LYS A 134 23.17 -14.36 3.19
C LYS A 134 22.56 -15.76 3.07
N ALA A 135 21.44 -16.02 3.74
CA ALA A 135 20.88 -17.37 3.79
C ALA A 135 20.34 -17.79 2.41
N GLU A 136 19.66 -16.86 1.74
CA GLU A 136 19.15 -17.05 0.40
C GLU A 136 20.30 -17.06 -0.61
N GLN A 137 21.37 -16.32 -0.32
CA GLN A 137 22.55 -16.33 -1.16
C GLN A 137 23.24 -17.67 -1.06
N ALA A 138 23.40 -18.15 0.18
CA ALA A 138 23.86 -19.51 0.41
C ALA A 138 23.01 -20.47 -0.43
N ARG A 139 21.68 -20.46 -0.28
CA ARG A 139 20.77 -21.45 -0.88
C ARG A 139 20.92 -21.51 -2.41
N LEU A 140 21.10 -20.36 -3.06
CA LEU A 140 21.22 -20.33 -4.51
C LEU A 140 22.59 -20.83 -4.95
N VAL A 141 23.57 -20.80 -4.03
CA VAL A 141 24.92 -21.27 -4.32
C VAL A 141 24.93 -22.79 -4.12
N ALA A 142 24.25 -23.28 -3.09
CA ALA A 142 24.09 -24.72 -2.88
C ALA A 142 23.55 -25.41 -4.14
N GLY A 143 22.53 -24.81 -4.79
CA GLY A 143 21.87 -25.38 -5.96
C GLY A 143 22.63 -25.10 -7.27
N GLY A 144 23.66 -24.22 -7.23
CA GLY A 144 24.70 -24.19 -8.25
C GLY A 144 24.88 -22.84 -8.95
N ALA A 145 24.52 -21.74 -8.28
CA ALA A 145 24.56 -20.44 -8.94
C ALA A 145 25.95 -19.83 -8.84
N ASP A 146 26.31 -19.01 -9.81
CA ASP A 146 27.47 -18.12 -9.69
C ASP A 146 27.27 -17.24 -8.47
N PRO A 147 28.27 -17.10 -7.56
CA PRO A 147 28.11 -16.24 -6.38
C PRO A 147 27.67 -14.81 -6.73
N GLN A 148 28.14 -14.28 -7.86
CA GLN A 148 27.86 -12.90 -8.23
C GLN A 148 26.37 -12.71 -8.48
N THR A 149 25.76 -13.74 -9.09
CA THR A 149 24.36 -13.71 -9.52
C THR A 149 23.46 -13.99 -8.33
N ALA A 150 23.93 -14.82 -7.39
CA ALA A 150 23.23 -15.05 -6.15
C ALA A 150 23.11 -13.74 -5.37
N GLU A 151 24.20 -12.98 -5.29
CA GLU A 151 24.23 -11.72 -4.58
C GLU A 151 23.15 -10.81 -5.12
N ARG A 152 23.10 -10.75 -6.45
CA ARG A 152 22.20 -9.85 -7.14
C ARG A 152 20.77 -10.27 -6.80
N ARG A 153 20.46 -11.57 -6.92
CA ARG A 153 19.10 -12.08 -6.81
C ARG A 153 18.65 -12.02 -5.35
N ALA A 154 19.52 -12.38 -4.44
CA ALA A 154 19.11 -12.41 -3.06
C ALA A 154 18.91 -11.00 -2.50
N GLY A 155 19.30 -9.97 -3.26
CA GLY A 155 19.49 -8.63 -2.72
C GLY A 155 18.51 -7.60 -3.27
N TYR A 156 17.75 -7.97 -4.33
CA TYR A 156 16.64 -7.17 -4.79
C TYR A 156 15.66 -6.86 -3.66
N ARG A 157 15.27 -5.60 -3.57
CA ARG A 157 14.20 -5.16 -2.71
C ARG A 157 13.29 -4.16 -3.42
N VAL A 158 13.40 -4.03 -4.74
CA VAL A 158 12.59 -3.04 -5.42
C VAL A 158 11.90 -3.74 -6.58
N PHE A 159 10.58 -3.53 -6.67
CA PHE A 159 9.75 -4.32 -7.55
C PHE A 159 8.65 -3.46 -8.08
N GLY A 160 8.33 -3.67 -9.37
CA GLY A 160 7.27 -2.94 -10.02
C GLY A 160 6.82 -3.62 -11.31
N SER A 161 6.00 -2.87 -12.05
CA SER A 161 5.51 -3.33 -13.34
C SER A 161 6.67 -3.25 -14.34
N LYS A 162 6.52 -3.94 -15.47
CA LYS A 162 7.60 -4.08 -16.44
C LYS A 162 7.87 -2.73 -17.07
N PRO A 163 9.09 -2.53 -17.63
CA PRO A 163 9.43 -1.31 -18.36
C PRO A 163 8.36 -0.91 -19.36
N GLY A 164 7.98 0.37 -19.36
CA GLY A 164 7.00 0.87 -20.31
C GLY A 164 5.56 0.61 -19.90
N ALA A 165 5.35 -0.20 -18.84
CA ALA A 165 4.00 -0.45 -18.33
C ALA A 165 3.74 0.30 -17.02
N TYR A 166 2.46 0.38 -16.66
CA TYR A 166 1.97 1.12 -15.51
C TYR A 166 0.88 0.32 -14.81
N GLY A 167 0.54 0.75 -13.58
CA GLY A 167 -0.63 0.27 -12.87
C GLY A 167 -0.33 -0.98 -12.06
N ALA A 168 -1.40 -1.57 -11.53
CA ALA A 168 -1.33 -2.77 -10.71
C ALA A 168 -1.84 -4.01 -11.46
N GLY A 169 -2.37 -3.82 -12.68
CA GLY A 169 -2.77 -4.91 -13.57
C GLY A 169 -3.91 -5.76 -12.99
N LEU A 170 -4.76 -5.13 -12.19
CA LEU A 170 -5.91 -5.80 -11.59
C LEU A 170 -7.20 -5.32 -12.26
N GLN A 171 -7.12 -4.30 -13.12
CA GLN A 171 -8.30 -3.51 -13.46
C GLN A 171 -9.20 -4.31 -14.37
N ALA A 172 -8.60 -5.01 -15.35
CA ALA A 172 -9.31 -5.96 -16.17
C ALA A 172 -10.19 -6.85 -15.31
N LEU A 173 -9.54 -7.56 -14.38
CA LEU A 173 -10.16 -8.62 -13.60
C LEU A 173 -11.28 -8.05 -12.71
N ILE A 174 -10.96 -7.04 -11.89
CA ILE A 174 -11.79 -6.66 -10.74
C ILE A 174 -13.11 -6.05 -11.20
N ASP A 175 -13.08 -5.27 -12.29
CA ASP A 175 -14.25 -4.52 -12.76
C ASP A 175 -15.30 -5.49 -13.31
N GLU A 176 -14.83 -6.54 -14.01
CA GLU A 176 -15.69 -7.56 -14.61
C GLU A 176 -16.24 -8.54 -13.57
N ASN A 177 -15.57 -8.64 -12.41
CA ASN A 177 -15.96 -9.52 -11.33
C ASN A 177 -15.91 -10.97 -11.80
N GLY A 178 -14.71 -11.40 -12.21
CA GLY A 178 -14.44 -12.78 -12.56
C GLY A 178 -13.22 -13.29 -11.80
N TRP A 179 -13.38 -13.45 -10.47
CA TRP A 179 -12.38 -14.10 -9.65
C TRP A 179 -13.07 -15.06 -8.67
N ALA A 180 -12.42 -16.20 -8.41
CA ALA A 180 -12.93 -17.18 -7.44
C ALA A 180 -12.57 -16.72 -6.03
N GLY A 181 -11.28 -16.50 -5.77
CA GLY A 181 -10.85 -16.03 -4.46
C GLY A 181 -9.79 -14.93 -4.55
N ARG A 182 -9.14 -14.70 -3.42
CA ARG A 182 -8.02 -13.77 -3.36
C ARG A 182 -6.91 -14.27 -4.27
N ASN A 183 -6.75 -15.60 -4.35
CA ASN A 183 -5.73 -16.25 -5.14
C ASN A 183 -5.67 -15.69 -6.56
N ASP A 184 -6.84 -15.43 -7.16
CA ASP A 184 -6.88 -14.90 -8.52
C ASP A 184 -6.30 -13.48 -8.60
N LEU A 185 -6.66 -12.60 -7.66
CA LEU A 185 -6.16 -11.24 -7.61
C LEU A 185 -4.65 -11.29 -7.38
N ALA A 186 -4.21 -12.11 -6.43
CA ALA A 186 -2.81 -12.24 -6.06
C ALA A 186 -1.93 -12.73 -7.21
N GLU A 187 -2.44 -13.72 -7.92
CA GLU A 187 -1.82 -14.24 -9.12
C GLU A 187 -1.55 -13.08 -10.08
N ALA A 188 -2.62 -12.34 -10.43
CA ALA A 188 -2.55 -11.27 -11.39
C ALA A 188 -1.59 -10.17 -10.91
N TRP A 189 -1.69 -9.87 -9.61
CA TRP A 189 -0.85 -8.89 -8.97
C TRP A 189 0.63 -9.26 -9.07
N LEU A 190 0.99 -10.48 -8.66
CA LEU A 190 2.35 -11.00 -8.80
C LEU A 190 2.89 -10.95 -10.24
N VAL A 191 2.09 -11.45 -11.19
CA VAL A 191 2.40 -11.42 -12.61
C VAL A 191 2.87 -10.03 -12.98
N TRP A 192 1.97 -9.06 -12.83
CA TRP A 192 2.15 -7.69 -13.30
C TRP A 192 3.32 -6.98 -12.61
N GLY A 193 3.51 -7.16 -11.30
CA GLY A 193 4.48 -6.36 -10.55
C GLY A 193 5.76 -7.10 -10.16
N GLY A 194 6.06 -8.21 -10.85
CA GLY A 194 7.14 -9.09 -10.40
C GLY A 194 8.50 -8.81 -11.05
N TYR A 195 8.75 -7.54 -11.41
CA TYR A 195 9.93 -7.10 -12.13
C TYR A 195 10.83 -6.29 -11.20
N ALA A 196 12.13 -6.66 -11.17
CA ALA A 196 13.11 -6.13 -10.22
C ALA A 196 13.89 -4.93 -10.79
N TYR A 197 14.16 -3.96 -9.92
CA TYR A 197 14.94 -2.80 -10.29
C TYR A 197 16.09 -2.67 -9.29
N GLY A 198 17.29 -2.41 -9.85
CA GLY A 198 18.53 -2.32 -9.10
C GLY A 198 19.38 -1.15 -9.59
N ALA A 199 20.62 -1.10 -9.09
CA ALA A 199 21.55 -0.01 -9.36
C ALA A 199 21.79 0.07 -10.86
N GLY A 200 22.19 -1.09 -11.42
CA GLY A 200 22.35 -1.24 -12.87
C GLY A 200 21.37 -2.28 -13.42
N GLU A 201 20.11 -2.18 -13.00
CA GLU A 201 19.10 -3.16 -13.35
C GLU A 201 17.83 -2.43 -13.79
N GLU A 202 17.27 -2.91 -14.90
CA GLU A 202 16.40 -2.10 -15.72
C GLU A 202 15.04 -2.77 -15.85
N GLY A 203 14.76 -3.75 -14.97
CA GLY A 203 13.44 -4.35 -14.86
C GLY A 203 13.42 -5.82 -15.26
N GLN A 204 14.29 -6.64 -14.64
CA GLN A 204 14.37 -8.09 -14.90
C GLN A 204 13.10 -8.77 -14.38
N ALA A 205 12.67 -9.84 -15.06
CA ALA A 205 11.55 -10.66 -14.59
C ALA A 205 11.96 -11.59 -13.44
N GLU A 206 11.47 -11.33 -12.23
CA GLU A 206 11.88 -12.10 -11.06
C GLU A 206 10.70 -12.34 -10.13
N ARG A 207 9.65 -13.00 -10.65
CA ARG A 207 8.42 -13.20 -9.91
C ARG A 207 8.68 -14.08 -8.69
N GLY A 208 9.52 -15.11 -8.87
CA GLY A 208 9.98 -15.98 -7.80
C GLY A 208 10.57 -15.23 -6.60
N LEU A 209 11.33 -14.15 -6.84
CA LEU A 209 12.00 -13.42 -5.76
C LEU A 209 10.97 -12.59 -5.01
N LEU A 210 10.04 -12.02 -5.78
CA LEU A 210 8.96 -11.22 -5.22
C LEU A 210 8.10 -12.07 -4.30
N GLU A 211 7.81 -13.32 -4.68
CA GLU A 211 7.07 -14.22 -3.80
C GLU A 211 7.85 -14.47 -2.51
N GLU A 212 9.17 -14.62 -2.64
CA GLU A 212 9.98 -14.95 -1.49
C GLU A 212 9.95 -13.76 -0.54
N ARG A 213 9.99 -12.55 -1.10
CA ARG A 213 9.97 -11.34 -0.29
C ARG A 213 8.61 -11.19 0.39
N LEU A 214 7.52 -11.37 -0.37
CA LEU A 214 6.19 -11.16 0.21
C LEU A 214 5.85 -12.21 1.25
N ARG A 215 6.46 -13.40 1.21
CA ARG A 215 6.28 -14.39 2.27
C ARG A 215 6.85 -13.88 3.60
N SER A 216 7.86 -13.01 3.57
CA SER A 216 8.48 -12.58 4.82
C SER A 216 7.70 -11.42 5.46
N VAL A 217 6.78 -10.80 4.73
CA VAL A 217 6.24 -9.50 5.11
C VAL A 217 5.21 -9.65 6.22
N GLN A 218 5.39 -8.86 7.30
CA GLN A 218 4.49 -8.87 8.44
C GLN A 218 3.47 -7.74 8.41
N ALA A 219 3.74 -6.70 7.62
CA ALA A 219 2.85 -5.56 7.57
C ALA A 219 3.03 -4.84 6.25
N VAL A 220 1.93 -4.44 5.61
CA VAL A 220 1.93 -3.67 4.37
C VAL A 220 1.73 -2.21 4.74
N VAL A 221 2.40 -1.31 4.01
CA VAL A 221 2.47 0.06 4.45
C VAL A 221 2.24 0.97 3.25
N GLN A 222 1.43 2.01 3.47
CA GLN A 222 1.29 3.10 2.51
C GLN A 222 1.10 4.45 3.22
N ASN A 223 1.78 5.47 2.67
CA ASN A 223 1.78 6.82 3.21
C ASN A 223 0.98 7.71 2.28
N GLN A 224 0.05 8.50 2.82
CA GLN A 224 -0.68 9.47 2.02
C GLN A 224 -0.32 10.89 2.45
N ASP A 225 0.08 11.77 1.51
CA ASP A 225 0.63 13.07 1.86
C ASP A 225 -0.41 14.20 1.81
N ASN A 226 -1.60 13.99 1.22
CA ASN A 226 -2.54 15.09 1.12
C ASN A 226 -3.96 14.62 1.43
N ARG A 227 -4.81 15.58 1.83
CA ARG A 227 -6.17 15.31 2.26
C ARG A 227 -7.17 15.53 1.11
N GLU A 228 -6.68 15.69 -0.13
CA GLU A 228 -7.52 16.04 -1.26
C GLU A 228 -8.24 14.78 -1.75
N HIS A 229 -7.51 13.68 -1.96
CA HIS A 229 -8.17 12.41 -2.20
C HIS A 229 -8.17 11.62 -0.88
N ASP A 230 -8.87 10.49 -0.89
CA ASP A 230 -8.92 9.59 0.23
C ASP A 230 -8.98 8.19 -0.37
N LEU A 231 -8.71 7.20 0.45
CA LEU A 231 -8.56 5.84 -0.03
C LEU A 231 -9.86 5.28 -0.60
N LEU A 232 -10.98 5.99 -0.43
CA LEU A 232 -12.23 5.54 -1.02
C LEU A 232 -12.71 6.44 -2.15
N ASP A 233 -11.89 7.33 -2.71
CA ASP A 233 -12.39 8.04 -3.88
C ASP A 233 -11.53 7.78 -5.11
N SER A 234 -10.85 6.63 -5.15
CA SER A 234 -10.02 6.24 -6.26
C SER A 234 -9.72 4.75 -6.17
N ASP A 235 -9.47 4.11 -7.31
CA ASP A 235 -9.26 2.66 -7.29
C ASP A 235 -7.81 2.32 -6.91
N ASP A 236 -6.95 3.34 -6.93
CA ASP A 236 -5.51 3.15 -6.86
C ASP A 236 -5.05 2.54 -5.53
N TYR A 237 -5.68 2.89 -4.40
CA TYR A 237 -5.20 2.55 -3.08
C TYR A 237 -5.41 1.05 -2.82
N TYR A 238 -6.59 0.53 -3.22
CA TYR A 238 -6.90 -0.86 -2.95
C TYR A 238 -6.06 -1.75 -3.87
N GLN A 239 -5.75 -1.25 -5.06
CA GLN A 239 -4.97 -2.03 -6.02
C GLN A 239 -3.53 -2.18 -5.51
N PHE A 240 -2.95 -1.10 -4.98
CA PHE A 240 -1.57 -1.12 -4.56
C PHE A 240 -1.45 -1.76 -3.19
N GLU A 241 -2.12 -1.18 -2.16
CA GLU A 241 -1.91 -1.69 -0.82
C GLU A 241 -2.79 -2.92 -0.56
N GLY A 242 -4.04 -2.91 -1.06
CA GLY A 242 -4.91 -4.06 -0.87
C GLY A 242 -4.43 -5.28 -1.64
N GLY A 243 -3.93 -5.00 -2.84
CA GLY A 243 -3.30 -6.00 -3.69
C GLY A 243 -2.14 -6.70 -3.00
N MET A 244 -1.23 -5.89 -2.44
CA MET A 244 -0.04 -6.45 -1.80
C MET A 244 -0.47 -7.35 -0.65
N ALA A 245 -1.43 -6.85 0.14
CA ALA A 245 -1.82 -7.55 1.35
C ALA A 245 -2.51 -8.86 0.99
N ALA A 246 -3.31 -8.83 -0.09
CA ALA A 246 -3.98 -10.01 -0.54
C ALA A 246 -2.93 -11.03 -0.95
N THR A 247 -1.86 -10.54 -1.54
CA THR A 247 -0.86 -11.45 -2.06
C THR A 247 -0.15 -12.15 -0.90
N VAL A 248 0.23 -11.40 0.15
CA VAL A 248 0.89 -12.00 1.29
C VAL A 248 0.00 -13.10 1.84
N GLU A 249 -1.31 -12.84 1.96
CA GLU A 249 -2.25 -13.82 2.48
C GLU A 249 -2.29 -15.04 1.54
N SER A 250 -2.39 -14.86 0.23
CA SER A 250 -2.35 -16.00 -0.67
C SER A 250 -1.09 -16.81 -0.41
N LEU A 251 0.05 -16.13 -0.23
CA LEU A 251 1.32 -16.83 -0.10
C LEU A 251 1.49 -17.46 1.28
N THR A 252 1.03 -16.80 2.35
CA THR A 252 1.32 -17.28 3.69
C THR A 252 0.10 -17.95 4.32
N GLY A 253 -1.12 -17.56 3.92
CA GLY A 253 -2.35 -18.03 4.56
C GLY A 253 -2.76 -17.21 5.78
N ALA A 254 -2.05 -16.10 6.06
CA ALA A 254 -2.41 -15.16 7.11
C ALA A 254 -2.37 -13.73 6.58
N MET A 255 -3.38 -12.92 6.93
CA MET A 255 -3.48 -11.56 6.43
C MET A 255 -2.51 -10.70 7.24
N PRO A 256 -1.55 -10.00 6.62
CA PRO A 256 -0.67 -9.13 7.36
C PRO A 256 -1.40 -7.91 7.91
N SER A 257 -0.75 -7.22 8.84
CA SER A 257 -1.23 -5.91 9.26
C SER A 257 -1.11 -5.01 8.05
N VAL A 258 -2.07 -4.08 7.91
CA VAL A 258 -1.91 -2.98 6.98
C VAL A 258 -1.98 -1.65 7.71
N TYR A 259 -1.06 -0.77 7.38
CA TYR A 259 -1.04 0.55 7.98
C TYR A 259 -1.07 1.60 6.88
N HIS A 260 -2.03 2.50 7.00
CA HIS A 260 -2.26 3.58 6.05
C HIS A 260 -2.02 4.86 6.82
N ASN A 261 -0.89 5.53 6.55
CA ASN A 261 -0.34 6.53 7.45
C ASN A 261 -0.59 7.94 6.92
N ASP A 262 -0.64 8.91 7.83
CA ASP A 262 -0.98 10.27 7.48
C ASP A 262 0.28 11.13 7.48
N HIS A 263 0.70 11.62 6.32
CA HIS A 263 1.81 12.55 6.28
C HIS A 263 1.36 13.93 5.78
N SER A 264 0.08 14.26 5.92
CA SER A 264 -0.40 15.55 5.45
C SER A 264 0.14 16.67 6.35
N ARG A 265 0.51 16.37 7.59
CA ARG A 265 1.08 17.37 8.49
C ARG A 265 2.52 16.95 8.82
N PRO A 266 3.54 17.31 7.99
CA PRO A 266 4.91 16.78 8.07
C PRO A 266 5.56 16.80 9.45
N GLU A 267 5.23 17.81 10.26
CA GLU A 267 5.77 17.87 11.60
C GLU A 267 5.17 16.75 12.44
N LYS A 268 3.85 16.45 12.34
CA LYS A 268 3.23 15.38 13.13
C LYS A 268 2.63 14.31 12.20
N PRO A 269 3.40 13.29 11.81
CA PRO A 269 2.84 12.17 11.07
C PRO A 269 2.05 11.22 11.96
N VAL A 270 0.90 10.75 11.49
CA VAL A 270 0.13 9.81 12.30
C VAL A 270 0.08 8.46 11.60
N ILE A 271 0.50 7.43 12.34
CA ILE A 271 0.32 6.05 11.93
C ILE A 271 -1.10 5.58 12.26
N ARG A 272 -1.80 4.95 11.29
CA ARG A 272 -3.08 4.29 11.49
C ARG A 272 -3.19 2.93 10.81
N ALA A 273 -3.89 1.99 11.45
CA ALA A 273 -4.27 0.74 10.81
C ALA A 273 -5.29 1.03 9.71
N LEU A 274 -5.35 0.16 8.70
CA LEU A 274 -6.24 0.41 7.59
C LEU A 274 -7.69 0.52 8.07
N GLU A 275 -8.08 -0.36 9.02
CA GLU A 275 -9.39 -0.40 9.64
C GLU A 275 -9.73 1.00 10.17
N GLU A 276 -8.73 1.70 10.69
CA GLU A 276 -8.91 2.97 11.36
C GLU A 276 -9.10 4.09 10.36
N GLU A 277 -8.41 3.98 9.23
CA GLU A 277 -8.50 5.00 8.21
C GLU A 277 -9.82 4.86 7.46
N LEU A 278 -10.23 3.62 7.17
CA LEU A 278 -11.53 3.44 6.54
C LEU A 278 -12.59 4.10 7.41
N SER A 279 -12.52 3.85 8.72
CA SER A 279 -13.48 4.40 9.67
C SER A 279 -13.47 5.94 9.66
N ARG A 280 -12.28 6.56 9.65
CA ARG A 280 -12.14 8.00 9.64
C ARG A 280 -12.79 8.60 8.39
N VAL A 281 -12.63 7.93 7.25
CA VAL A 281 -13.20 8.37 5.99
C VAL A 281 -14.72 8.17 5.92
N VAL A 282 -15.26 7.13 6.57
CA VAL A 282 -16.70 6.96 6.63
C VAL A 282 -17.34 7.99 7.57
N ARG A 283 -16.74 8.24 8.72
CA ARG A 283 -17.23 9.25 9.64
C ARG A 283 -17.03 10.66 9.06
N GLY A 284 -15.89 10.90 8.42
CA GLY A 284 -15.52 12.24 8.00
C GLY A 284 -15.99 12.56 6.58
N ARG A 285 -16.32 11.55 5.78
CA ARG A 285 -16.69 11.84 4.40
C ARG A 285 -17.88 11.01 3.91
N ALA A 286 -17.66 9.71 3.66
CA ALA A 286 -18.65 8.83 3.05
C ALA A 286 -20.03 8.93 3.66
N ALA A 287 -20.10 8.91 5.00
CA ALA A 287 -21.40 8.91 5.68
C ALA A 287 -21.65 10.25 6.36
N ASN A 288 -20.79 11.24 6.08
CA ASN A 288 -20.92 12.54 6.70
C ASN A 288 -22.12 13.25 6.08
N PRO A 289 -23.14 13.65 6.86
CA PRO A 289 -24.28 14.31 6.25
C PRO A 289 -23.91 15.61 5.53
N LYS A 290 -22.96 16.39 6.07
CA LYS A 290 -22.48 17.60 5.38
C LYS A 290 -21.92 17.24 4.00
N TRP A 291 -21.13 16.17 3.92
CA TRP A 291 -20.60 15.75 2.64
C TRP A 291 -21.70 15.27 1.70
N ILE A 292 -22.69 14.56 2.21
CA ILE A 292 -23.79 14.06 1.39
C ILE A 292 -24.67 15.23 0.95
N ALA A 293 -24.89 16.22 1.82
CA ALA A 293 -25.60 17.41 1.39
C ALA A 293 -24.95 17.97 0.14
N GLY A 294 -23.61 18.11 0.19
CA GLY A 294 -22.80 18.70 -0.87
C GLY A 294 -23.00 18.03 -2.22
N VAL A 295 -22.95 16.69 -2.26
CA VAL A 295 -22.92 15.99 -3.54
C VAL A 295 -24.34 15.86 -4.09
N MET A 296 -25.35 16.19 -3.28
CA MET A 296 -26.72 16.28 -3.75
C MET A 296 -26.97 17.61 -4.46
N ARG A 297 -26.03 18.54 -4.40
CA ARG A 297 -26.05 19.70 -5.27
C ARG A 297 -24.93 19.58 -6.31
N HIS A 298 -24.77 18.39 -6.92
CA HIS A 298 -23.87 18.19 -8.05
C HIS A 298 -24.44 17.12 -8.99
N GLY A 299 -25.70 16.74 -8.81
CA GLY A 299 -26.40 15.85 -9.74
C GLY A 299 -25.62 14.58 -10.07
N TYR A 300 -25.08 14.55 -11.29
CA TYR A 300 -24.64 13.33 -11.93
C TYR A 300 -23.23 12.98 -11.45
N LYS A 301 -22.29 13.92 -11.57
CA LYS A 301 -20.98 13.73 -10.99
C LYS A 301 -21.15 13.28 -9.53
N GLY A 302 -22.02 13.99 -8.79
CA GLY A 302 -22.24 13.77 -7.37
C GLY A 302 -22.69 12.35 -7.03
N ALA A 303 -23.74 11.84 -7.70
CA ALA A 303 -24.18 10.47 -7.45
C ALA A 303 -23.17 9.43 -7.98
N ALA A 304 -22.31 9.83 -8.92
CA ALA A 304 -21.21 8.99 -9.33
C ALA A 304 -20.27 8.78 -8.14
N GLU A 305 -19.99 9.85 -7.37
CA GLU A 305 -19.07 9.79 -6.25
C GLU A 305 -19.54 8.76 -5.22
N ILE A 306 -20.86 8.66 -5.09
CA ILE A 306 -21.49 7.77 -4.12
C ILE A 306 -21.22 6.32 -4.54
N ALA A 307 -21.76 5.93 -5.69
CA ALA A 307 -21.49 4.62 -6.28
C ALA A 307 -20.01 4.24 -6.24
N ALA A 308 -19.13 5.16 -6.62
CA ALA A 308 -17.70 4.91 -6.57
C ALA A 308 -17.26 4.47 -5.16
N THR A 309 -17.78 5.17 -4.13
CA THR A 309 -17.33 4.96 -2.77
C THR A 309 -17.62 3.53 -2.36
N VAL A 310 -18.80 3.04 -2.72
CA VAL A 310 -19.19 1.70 -2.35
C VAL A 310 -18.36 0.68 -3.13
N ASP A 311 -17.98 1.04 -4.37
CA ASP A 311 -17.12 0.19 -5.20
C ASP A 311 -15.79 -0.08 -4.49
N TYR A 312 -15.17 0.98 -4.00
CA TYR A 312 -13.83 0.91 -3.44
C TYR A 312 -13.93 0.30 -2.04
N LEU A 313 -15.04 0.54 -1.34
CA LEU A 313 -15.30 -0.13 -0.09
C LEU A 313 -15.32 -1.62 -0.37
N PHE A 314 -16.12 -2.01 -1.37
CA PHE A 314 -16.30 -3.40 -1.74
C PHE A 314 -14.95 -4.02 -2.06
N ALA A 315 -14.15 -3.30 -2.83
CA ALA A 315 -12.84 -3.78 -3.28
C ALA A 315 -11.84 -3.97 -2.13
N PHE A 316 -11.91 -3.12 -1.10
CA PHE A 316 -11.09 -3.29 0.09
C PHE A 316 -11.53 -4.49 0.92
N ALA A 317 -12.84 -4.70 1.07
CA ALA A 317 -13.36 -5.91 1.70
C ALA A 317 -12.76 -7.16 1.05
N ALA A 318 -12.78 -7.25 -0.29
CA ALA A 318 -12.33 -8.44 -1.01
C ALA A 318 -10.81 -8.64 -0.98
N THR A 319 -10.02 -7.56 -1.00
CA THR A 319 -8.56 -7.70 -0.99
C THR A 319 -8.04 -7.96 0.43
N THR A 320 -8.59 -7.32 1.47
CA THR A 320 -7.95 -7.29 2.78
C THR A 320 -8.85 -7.78 3.92
N GLY A 321 -10.16 -7.80 3.72
CA GLY A 321 -11.07 -8.27 4.76
C GLY A 321 -11.10 -7.34 5.99
N LYS A 322 -10.65 -6.09 5.84
CA LYS A 322 -10.52 -5.21 6.98
C LYS A 322 -11.65 -4.19 7.00
N VAL A 323 -12.68 -4.39 6.19
CA VAL A 323 -13.91 -3.62 6.29
C VAL A 323 -14.90 -4.41 7.14
N GLY A 324 -15.50 -3.76 8.13
CA GLY A 324 -16.46 -4.44 8.98
C GLY A 324 -17.89 -4.26 8.46
N ASN A 325 -18.79 -5.03 9.04
CA ASN A 325 -20.22 -4.91 8.83
C ASN A 325 -20.68 -3.48 9.11
N HIS A 326 -20.14 -2.88 10.16
CA HIS A 326 -20.56 -1.55 10.55
C HIS A 326 -20.50 -0.63 9.31
N HIS A 327 -19.40 -0.72 8.56
CA HIS A 327 -19.14 0.15 7.41
C HIS A 327 -20.17 -0.03 6.29
N PHE A 328 -20.38 -1.27 5.85
CA PHE A 328 -21.40 -1.55 4.85
C PHE A 328 -22.77 -1.06 5.33
N GLU A 329 -23.07 -1.25 6.62
CA GLU A 329 -24.34 -0.83 7.18
C GLU A 329 -24.47 0.68 7.02
N ALA A 330 -23.35 1.39 7.12
CA ALA A 330 -23.42 2.83 7.27
C ALA A 330 -23.77 3.44 5.92
N VAL A 331 -23.23 2.82 4.87
CA VAL A 331 -23.44 3.33 3.52
C VAL A 331 -24.82 2.93 3.01
N TYR A 332 -25.33 1.78 3.45
CA TYR A 332 -26.69 1.35 3.11
C TYR A 332 -27.70 2.31 3.74
N GLN A 333 -27.54 2.55 5.05
CA GLN A 333 -28.44 3.40 5.81
C GLN A 333 -28.41 4.84 5.27
N ALA A 334 -27.26 5.30 4.80
CA ALA A 334 -27.11 6.69 4.41
C ALA A 334 -27.39 6.94 2.93
N TYR A 335 -27.44 5.88 2.11
CA TYR A 335 -27.52 6.05 0.67
C TYR A 335 -28.80 5.44 0.10
N ILE A 336 -29.20 4.27 0.61
CA ILE A 336 -30.35 3.55 0.09
C ILE A 336 -31.59 3.74 0.99
N ALA A 337 -31.44 3.55 2.30
CA ALA A 337 -32.56 3.62 3.22
C ALA A 337 -32.81 5.04 3.72
N ASP A 338 -32.11 6.04 3.15
CA ASP A 338 -32.54 7.44 3.24
C ASP A 338 -33.22 7.78 1.91
N ARG A 339 -34.57 7.81 1.92
CA ARG A 339 -35.34 7.98 0.69
C ARG A 339 -34.95 9.31 0.05
N ALA A 340 -34.63 10.32 0.87
CA ALA A 340 -34.10 11.56 0.31
C ALA A 340 -32.96 11.28 -0.66
N VAL A 341 -32.05 10.34 -0.31
CA VAL A 341 -30.80 10.12 -1.05
C VAL A 341 -31.05 9.10 -2.18
N HIS A 342 -31.86 8.08 -1.89
CA HIS A 342 -32.35 7.13 -2.88
C HIS A 342 -32.95 7.91 -4.06
N ASP A 343 -33.98 8.71 -3.77
CA ASP A 343 -34.76 9.39 -4.80
C ASP A 343 -33.85 10.27 -5.66
N PHE A 344 -32.94 11.01 -4.99
CA PHE A 344 -31.94 11.85 -5.65
C PHE A 344 -31.15 11.06 -6.68
N MET A 345 -30.83 9.80 -6.39
CA MET A 345 -30.01 9.01 -7.30
C MET A 345 -30.86 8.46 -8.43
N ALA A 346 -32.08 7.98 -8.11
CA ALA A 346 -33.02 7.48 -9.11
C ALA A 346 -33.26 8.52 -10.21
N GLU A 347 -33.47 9.76 -9.79
CA GLU A 347 -33.70 10.86 -10.71
C GLU A 347 -32.43 11.11 -11.51
N LYS A 348 -31.37 11.47 -10.80
CA LYS A 348 -30.22 12.17 -11.38
C LYS A 348 -29.15 11.24 -11.97
N ASN A 349 -29.29 9.91 -11.83
CA ASN A 349 -28.27 8.97 -12.27
C ASN A 349 -28.68 7.50 -12.10
N PRO A 350 -29.84 7.05 -12.63
CA PRO A 350 -30.33 5.71 -12.34
C PRO A 350 -29.31 4.57 -12.47
N ALA A 351 -28.19 4.79 -13.20
CA ALA A 351 -27.17 3.76 -13.37
C ALA A 351 -26.42 3.55 -12.06
N ALA A 352 -25.91 4.67 -11.53
CA ALA A 352 -25.14 4.67 -10.30
C ALA A 352 -25.89 3.95 -9.19
N LEU A 353 -27.23 4.04 -9.20
CA LEU A 353 -28.04 3.47 -8.12
C LEU A 353 -28.14 1.95 -8.25
N ALA A 354 -28.07 1.46 -9.48
CA ALA A 354 -28.14 0.04 -9.73
C ALA A 354 -26.78 -0.61 -9.44
N GLU A 355 -25.71 0.04 -9.90
CA GLU A 355 -24.35 -0.31 -9.55
C GLU A 355 -24.20 -0.45 -8.03
N THR A 356 -24.56 0.62 -7.30
CA THR A 356 -24.53 0.65 -5.85
C THR A 356 -25.22 -0.58 -5.28
N ALA A 357 -26.51 -0.73 -5.57
CA ALA A 357 -27.31 -1.80 -4.99
C ALA A 357 -26.84 -3.18 -5.46
N ALA A 358 -26.07 -3.22 -6.54
CA ALA A 358 -25.44 -4.46 -6.95
C ALA A 358 -24.26 -4.78 -6.02
N LYS A 359 -23.37 -3.79 -5.79
CA LYS A 359 -22.20 -4.09 -4.99
C LYS A 359 -22.58 -4.38 -3.56
N LEU A 360 -23.73 -3.89 -3.09
CA LEU A 360 -24.14 -4.14 -1.73
C LEU A 360 -24.69 -5.56 -1.60
N ASN A 361 -25.32 -6.08 -2.67
CA ASN A 361 -25.87 -7.42 -2.65
C ASN A 361 -24.72 -8.44 -2.79
N GLU A 362 -23.72 -8.13 -3.63
CA GLU A 362 -22.49 -8.93 -3.67
C GLU A 362 -21.81 -8.98 -2.31
N ALA A 363 -21.89 -7.88 -1.54
CA ALA A 363 -21.26 -7.85 -0.21
C ALA A 363 -21.95 -8.84 0.74
N ILE A 364 -23.28 -8.97 0.64
CA ILE A 364 -24.02 -9.93 1.45
C ILE A 364 -23.63 -11.35 1.04
N GLU A 365 -23.66 -11.63 -0.28
CA GLU A 365 -23.37 -12.94 -0.84
C GLU A 365 -21.98 -13.42 -0.46
N ARG A 366 -20.97 -12.57 -0.61
CA ARG A 366 -19.58 -12.98 -0.42
C ARG A 366 -19.21 -12.99 1.07
N GLY A 367 -20.13 -12.52 1.92
CA GLY A 367 -19.97 -12.54 3.37
C GLY A 367 -19.24 -11.32 3.95
N PHE A 368 -19.31 -10.18 3.28
CA PHE A 368 -18.61 -8.98 3.74
C PHE A 368 -19.51 -8.21 4.70
N TRP A 369 -20.81 -8.43 4.53
CA TRP A 369 -21.82 -7.65 5.21
C TRP A 369 -22.96 -8.58 5.55
N THR A 370 -23.20 -8.76 6.84
CA THR A 370 -24.41 -9.44 7.33
C THR A 370 -25.40 -8.38 7.80
N PRO A 371 -26.43 -8.03 6.98
CA PRO A 371 -27.31 -6.90 7.24
C PRO A 371 -28.00 -6.87 8.61
N ARG A 372 -28.74 -5.78 8.90
CA ARG A 372 -29.52 -5.65 10.13
C ARG A 372 -30.76 -6.54 10.10
N SER A 373 -31.45 -6.65 8.94
CA SER A 373 -32.52 -7.65 8.81
C SER A 373 -32.73 -8.00 7.35
N ASN A 374 -33.41 -9.14 7.11
CA ASN A 374 -33.62 -9.68 5.78
C ASN A 374 -34.43 -8.71 4.91
N SER A 375 -35.11 -7.73 5.56
CA SER A 375 -35.75 -6.64 4.84
C SER A 375 -34.76 -6.01 3.86
N ALA A 376 -33.50 -5.86 4.30
CA ALA A 376 -32.43 -5.24 3.53
C ALA A 376 -32.14 -6.02 2.24
N ARG A 377 -32.03 -7.35 2.35
CA ARG A 377 -31.60 -8.16 1.21
C ARG A 377 -32.64 -8.12 0.08
N PHE A 378 -33.94 -8.19 0.43
CA PHE A 378 -35.01 -8.21 -0.56
C PHE A 378 -34.96 -6.90 -1.37
N GLU A 379 -34.98 -5.76 -0.67
CA GLU A 379 -35.02 -4.44 -1.27
C GLU A 379 -33.90 -4.21 -2.30
N LEU A 380 -32.71 -4.79 -2.06
CA LEU A 380 -31.52 -4.47 -2.83
C LEU A 380 -31.54 -5.16 -4.19
N GLU A 381 -31.96 -6.43 -4.20
CA GLU A 381 -32.11 -7.14 -5.45
C GLU A 381 -33.37 -6.64 -6.15
N ASN A 382 -34.45 -6.48 -5.39
CA ASN A 382 -35.62 -5.75 -5.88
C ASN A 382 -35.15 -4.56 -6.71
N LEU A 383 -34.45 -3.60 -6.08
CA LEU A 383 -34.13 -2.34 -6.74
C LEU A 383 -33.30 -2.59 -8.01
N SER A 384 -32.56 -3.71 -8.03
CA SER A 384 -31.91 -4.17 -9.25
C SER A 384 -32.86 -5.03 -10.08
C1 A1IFT B . -2.44 7.13 -9.37
C2 A1IFT B . -3.34 8.16 -9.47
C3 A1IFT B . -4.04 8.88 -8.31
C4 A1IFT B . -5.05 9.84 -8.98
C5 A1IFT B . -4.96 9.31 -10.40
C6 A1IFT B . -5.94 9.56 -11.30
O4 A1IFT B . -1.75 10.12 -19.20
O10 A1IFT B . -1.70 10.83 -5.22
C44 A1IFT B . -1.71 11.32 -6.37
O11 A1IFT B . -1.55 12.55 -6.62
C43 A1IFT B . -1.99 10.36 -7.52
C42 A1IFT B . -3.25 9.59 -7.18
C40 A1IFT B . -4.80 11.36 -8.96
C41 A1IFT B . -6.43 9.56 -8.35
N A1IFT B . -3.86 8.58 -10.65
C7 A1IFT B . -5.76 9.91 -12.62
N4 A1IFT B . -4.72 9.52 -13.42
C10 A1IFT B . -5.24 9.28 -14.67
C9 A1IFT B . -6.37 10.31 -14.89
C34 A1IFT B . -5.86 11.47 -15.77
C35 A1IFT B . -7.68 9.72 -15.52
C36 A1IFT B . -8.39 8.61 -14.77
N5 A1IFT B . -9.48 8.95 -14.09
O7 A1IFT B . -7.98 7.44 -14.81
C8 A1IFT B . -6.73 10.74 -13.44
C37 A1IFT B . -6.56 12.25 -13.10
C38 A1IFT B . -7.05 12.69 -11.71
C39 A1IFT B . -8.56 12.83 -11.51
O9 A1IFT B . -8.95 13.30 -10.41
O8 A1IFT B . -9.34 12.48 -12.43
C11 A1IFT B . -4.66 8.31 -15.54
C33 A1IFT B . -5.25 8.03 -16.91
C12 A1IFT B . -3.51 7.64 -15.20
C25 A1IFT B . -2.50 7.06 -16.18
C26 A1IFT B . -1.74 8.18 -16.95
C27 A1IFT B . -1.57 7.87 -18.44
C28 A1IFT B . -1.13 9.03 -19.32
O5 A1IFT B . -0.18 8.83 -20.15
C24 A1IFT B . -1.68 6.07 -15.30
C29 A1IFT B . -0.25 5.85 -15.81
C30 A1IFT B . -2.46 4.71 -15.29
C31 A1IFT B . -2.24 3.79 -16.48
N3 A1IFT B . -1.94 4.34 -17.65
O6 A1IFT B . -2.35 2.56 -16.35
C13 A1IFT B . -1.77 6.80 -13.91
N1 A1IFT B . -3.14 7.39 -13.99
C32 A1IFT B . -0.84 7.98 -13.69
C14 A1IFT B . -1.79 5.89 -12.68
N2 A1IFT B . -2.40 6.75 -11.64
C17 A1IFT B . -1.91 6.47 -10.47
C A1IFT B . -2.02 6.69 -7.98
C16 A1IFT B . -0.74 5.46 -10.57
C18 A1IFT B . -1.13 4.09 -9.97
C15 A1IFT B . -0.47 5.38 -12.11
C22 A1IFT B . 0.10 4.06 -12.68
C23 A1IFT B . 1.62 3.89 -12.49
O3 A1IFT B . 2.11 2.74 -12.39
O2 A1IFT B . 2.34 4.89 -12.47
C19 A1IFT B . 0.52 5.98 -9.86
C20 A1IFT B . 0.89 7.43 -10.17
C21 A1IFT B . 2.08 7.92 -9.36
O A1IFT B . 3.13 7.22 -9.42
O1 A1IFT B . 1.95 8.98 -8.70
#